data_5DI4
#
_entry.id   5DI4
#
_cell.length_a   80.169
_cell.length_b   85.923
_cell.length_c   104.258
_cell.angle_alpha   90.00
_cell.angle_beta   90.00
_cell.angle_gamma   90.00
#
_symmetry.space_group_name_H-M   'C 2 2 21'
#
loop_
_entity.id
_entity.type
_entity.pdbx_description
1 polymer 'RNA (48-MER)'
2 polymer "5'-R(*GP*GP*GP*CP*GP*U)-D(P*C)-R(P*UP*GP*GP*GP*CP*AP*GP*UP*AP*CP*CP*CP*A)-3'"
3 non-polymer 'MANGANESE (II) ION'
#
loop_
_entity_poly.entity_id
_entity_poly.type
_entity_poly.pdbx_seq_one_letter_code
_entity_poly.pdbx_strand_id
1 'polyribonucleotide' GGGUACUUAAGCCCACUGAUGAGUCGCUGGGAUGCGACGAAACGCCCA A
2 'polydeoxyribonucleotide/polyribonucleotide hybrid' GGGCGU(DC)UGGGCAGUACCCA B
#
loop_
_chem_comp.id
_chem_comp.type
_chem_comp.name
_chem_comp.formula
A RNA linking ADENOSINE-5'-MONOPHOSPHATE 'C10 H14 N5 O7 P'
C RNA linking CYTIDINE-5'-MONOPHOSPHATE 'C9 H14 N3 O8 P'
DC DNA linking 2'-DEOXYCYTIDINE-5'-MONOPHOSPHATE 'C9 H14 N3 O7 P'
G RNA linking GUANOSINE-5'-MONOPHOSPHATE 'C10 H14 N5 O8 P'
MN non-polymer 'MANGANESE (II) ION' 'Mn 2'
U RNA linking URIDINE-5'-MONOPHOSPHATE 'C9 H13 N2 O9 P'
#
# COMPACT_ATOMS: atom_id res chain seq x y z
MN MN C . 6.18 19.51 24.39
MN MN D . 5.27 0.14 -11.84
MN MN E . -19.31 0.35 12.31
MN MN F . 5.64 16.22 20.56
MN MN G . 19.97 -16.50 -24.87
MN MN H . -9.16 -6.20 -8.45
MN MN I . 0.50 -13.74 -18.33
MN MN J . 4.37 23.05 17.97
MN MN K . -18.04 -10.77 9.27
MN MN L . -2.25 3.92 -0.07
MN MN M . 6.84 -15.97 -20.93
#